data_8Y5B
#
_entry.id   8Y5B
#
_cell.length_a   100.889
_cell.length_b   100.889
_cell.length_c   48.194
_cell.angle_alpha   90.00
_cell.angle_beta   90.00
_cell.angle_gamma   90.00
#
_symmetry.space_group_name_H-M   'P 41 21 2'
#
loop_
_entity.id
_entity.type
_entity.pdbx_description
1 polymer 'E3 ubiquitin-protein ligase TRIM21'
2 non-polymer (1~{R})-1-[10-[3-(dimethylamino)propyl]phenothiazin-2-yl]ethanol
3 water water
#
_entity_poly.entity_id   1
_entity_poly.type   'polypeptide(L)'
_entity_poly.pdbx_seq_one_letter_code
;GPMVHITLDPDTANPWLILSEDRRQVRLGDTQQSIPGNEERFDSYPMVLGAQHFHSGKHYWEVDVTGKEAWALGVCRDSV
RRKGHFLLSSKSGFWTIWLWNKQKYEAGTYPQTPLHLQVPPCQVGIFLDYEAGMVSFYNITDHGSLIYSFSECAFTGPLR
PFFSPGFNDGGKNTAPLTLCPLNIGSQGSTDY
;
_entity_poly.pdbx_strand_id   A
#
loop_
_chem_comp.id
_chem_comp.type
_chem_comp.name
_chem_comp.formula
A1D5Z non-polymer (1~{R})-1-[10-[3-(dimethylamino)propyl]phenothiazin-2-yl]ethanol 'C19 H24 N2 O S'
#
# COMPACT_ATOMS: atom_id res chain seq x y z
N GLY A 1 20.49 7.91 0.97
CA GLY A 1 20.14 7.02 -0.11
C GLY A 1 18.63 6.90 -0.15
N PRO A 2 18.10 6.01 -0.99
CA PRO A 2 16.65 6.01 -1.20
C PRO A 2 15.90 5.34 -0.06
N MET A 3 16.53 4.42 0.65
CA MET A 3 15.81 3.65 1.67
C MET A 3 15.27 4.64 2.70
N VAL A 4 14.04 4.40 3.10
CA VAL A 4 13.39 5.29 4.05
C VAL A 4 12.66 4.45 5.11
N HIS A 5 12.80 4.86 6.37
CA HIS A 5 12.10 4.23 7.49
C HIS A 5 10.67 4.75 7.52
N ILE A 6 9.73 3.94 7.09
CA ILE A 6 8.32 4.34 7.00
C ILE A 6 7.67 4.09 8.35
N THR A 7 6.77 4.99 8.77
CA THR A 7 5.93 4.74 9.94
C THR A 7 4.50 5.04 9.51
N LEU A 8 3.54 4.34 10.10
CA LEU A 8 2.15 4.53 9.65
C LEU A 8 1.52 5.73 10.35
N ASP A 9 0.66 6.45 9.61
CA ASP A 9 -0.03 7.67 10.06
C ASP A 9 -1.37 7.29 10.67
N PRO A 10 -1.47 7.28 12.00
CA PRO A 10 -2.71 6.79 12.66
C PRO A 10 -3.95 7.58 12.26
N ASP A 11 -3.79 8.87 11.96
CA ASP A 11 -4.91 9.73 11.60
C ASP A 11 -5.56 9.30 10.29
N THR A 12 -4.85 8.53 9.46
CA THR A 12 -5.44 8.10 8.19
C THR A 12 -6.11 6.73 8.28
N ALA A 13 -5.93 6.02 9.39
CA ALA A 13 -6.20 4.58 9.40
C ALA A 13 -7.70 4.30 9.57
N ASN A 14 -8.26 3.57 8.62
CA ASN A 14 -9.65 3.11 8.69
C ASN A 14 -9.92 2.41 10.02
N PRO A 15 -11.11 2.57 10.61
CA PRO A 15 -11.39 1.95 11.91
C PRO A 15 -11.29 0.44 11.95
N TRP A 16 -11.34 -0.24 10.81
CA TRP A 16 -11.20 -1.70 10.83
C TRP A 16 -9.75 -2.14 10.98
N LEU A 17 -8.80 -1.22 11.09
CA LEU A 17 -7.38 -1.52 11.15
C LEU A 17 -6.90 -1.52 12.60
N ILE A 18 -5.90 -2.35 12.90
CA ILE A 18 -5.20 -2.29 14.19
C ILE A 18 -3.73 -2.02 13.87
N LEU A 19 -3.20 -0.91 14.38
CA LEU A 19 -1.80 -0.52 14.21
C LEU A 19 -0.97 -0.97 15.42
N SER A 20 0.26 -1.45 15.18
CA SER A 20 1.13 -1.79 16.30
C SER A 20 1.55 -0.50 17.04
N GLU A 21 2.03 -0.69 18.29
CA GLU A 21 2.50 0.45 19.07
C GLU A 21 3.58 1.24 18.32
N ASP A 22 4.49 0.54 17.62
CA ASP A 22 5.58 1.24 16.93
C ASP A 22 5.17 1.73 15.55
N ARG A 23 3.92 1.49 15.14
N ARG A 23 3.92 1.49 15.14
CA ARG A 23 3.39 1.98 13.87
CA ARG A 23 3.39 1.98 13.87
C ARG A 23 4.16 1.43 12.67
C ARG A 23 4.18 1.44 12.68
N ARG A 24 4.74 0.24 12.84
CA ARG A 24 5.45 -0.46 11.76
C ARG A 24 4.67 -1.67 11.24
N GLN A 25 3.52 -1.98 11.83
CA GLN A 25 2.71 -3.13 11.44
C GLN A 25 1.25 -2.72 11.43
N VAL A 26 0.47 -3.33 10.54
CA VAL A 26 -0.97 -3.08 10.56
C VAL A 26 -1.67 -4.38 10.13
N ARG A 27 -2.82 -4.65 10.77
CA ARG A 27 -3.59 -5.87 10.48
C ARG A 27 -5.08 -5.51 10.53
N LEU A 28 -5.92 -6.42 9.99
CA LEU A 28 -7.37 -6.28 10.07
C LEU A 28 -7.83 -6.67 11.46
N GLY A 29 -8.75 -5.85 12.05
CA GLY A 29 -9.38 -6.23 13.29
C GLY A 29 -10.72 -6.93 13.07
N ASP A 30 -11.23 -7.57 14.13
CA ASP A 30 -12.50 -8.31 14.05
C ASP A 30 -13.72 -7.40 14.22
N THR A 31 -13.52 -6.21 14.77
CA THR A 31 -14.58 -5.23 14.91
C THR A 31 -14.00 -3.86 14.63
N GLN A 32 -14.89 -2.91 14.38
CA GLN A 32 -14.51 -1.51 14.14
C GLN A 32 -14.08 -0.80 15.43
N GLN A 33 -12.99 -0.04 15.37
CA GLN A 33 -12.60 0.80 16.50
C GLN A 33 -13.47 2.07 16.54
N SER A 34 -13.72 2.57 17.76
CA SER A 34 -14.42 3.86 17.91
C SER A 34 -13.37 4.96 17.95
N ILE A 35 -13.16 5.64 16.81
CA ILE A 35 -12.14 6.69 16.72
C ILE A 35 -12.71 7.88 15.94
N PRO A 36 -12.01 9.01 15.83
CA PRO A 36 -12.64 10.20 15.23
C PRO A 36 -12.93 10.07 13.75
N GLY A 37 -13.89 10.86 13.29
CA GLY A 37 -14.19 10.94 11.88
C GLY A 37 -13.42 12.05 11.17
N ASN A 38 -12.15 12.24 11.50
CA ASN A 38 -11.41 13.36 10.95
C ASN A 38 -11.27 13.23 9.43
N GLU A 39 -10.98 14.37 8.79
CA GLU A 39 -11.05 14.39 7.33
C GLU A 39 -10.00 13.51 6.65
N GLU A 40 -8.89 13.20 7.32
CA GLU A 40 -7.79 12.44 6.71
C GLU A 40 -8.04 10.94 6.70
N ARG A 41 -9.03 10.46 7.46
CA ARG A 41 -9.21 9.02 7.67
C ARG A 41 -9.98 8.36 6.53
N PHE A 42 -9.43 7.27 6.00
CA PHE A 42 -10.15 6.46 5.02
C PHE A 42 -11.36 5.82 5.66
N ASP A 43 -12.58 6.09 5.14
CA ASP A 43 -13.75 5.61 5.87
C ASP A 43 -14.42 4.38 5.26
N SER A 44 -14.02 3.93 4.06
CA SER A 44 -14.81 2.86 3.41
C SER A 44 -14.05 1.54 3.18
N TYR A 45 -12.73 1.51 3.29
CA TYR A 45 -11.91 0.33 3.12
C TYR A 45 -10.81 0.32 4.18
N PRO A 46 -10.23 -0.87 4.48
CA PRO A 46 -9.15 -0.91 5.52
C PRO A 46 -7.79 -0.50 4.96
N MET A 47 -7.60 0.83 4.92
CA MET A 47 -6.49 1.53 4.25
C MET A 47 -5.84 2.48 5.25
N VAL A 48 -4.52 2.69 5.08
CA VAL A 48 -3.74 3.55 5.97
C VAL A 48 -2.56 4.07 5.15
N LEU A 49 -2.13 5.29 5.44
CA LEU A 49 -0.98 5.88 4.75
C LEU A 49 0.24 5.85 5.67
N GLY A 50 1.42 5.84 5.06
CA GLY A 50 2.62 6.21 5.79
C GLY A 50 2.66 7.69 6.12
N ALA A 51 3.32 8.02 7.24
CA ALA A 51 3.42 9.41 7.71
C ALA A 51 4.28 10.24 6.77
N GLN A 52 5.25 9.60 6.13
CA GLN A 52 6.23 10.33 5.32
C GLN A 52 5.57 10.93 4.06
N HIS A 53 6.05 12.12 3.68
CA HIS A 53 5.63 12.82 2.47
C HIS A 53 6.81 12.87 1.49
N PHE A 54 6.55 12.58 0.23
CA PHE A 54 7.60 12.62 -0.81
C PHE A 54 7.29 13.73 -1.80
N HIS A 55 8.11 14.76 -1.82
CA HIS A 55 7.92 15.88 -2.74
C HIS A 55 8.74 15.80 -3.99
N SER A 56 9.79 14.98 -3.97
CA SER A 56 10.80 14.86 -5.02
C SER A 56 11.68 13.66 -4.64
N GLY A 57 12.56 13.26 -5.59
CA GLY A 57 13.59 12.29 -5.28
C GLY A 57 13.15 10.82 -5.35
N LYS A 58 14.09 9.97 -4.93
CA LYS A 58 13.96 8.52 -5.00
C LYS A 58 13.79 7.98 -3.59
N HIS A 59 12.87 7.01 -3.43
CA HIS A 59 12.49 6.45 -2.13
C HIS A 59 12.17 4.97 -2.27
N TYR A 60 12.59 4.19 -1.27
CA TYR A 60 12.45 2.72 -1.33
C TYR A 60 12.09 2.17 0.04
N TRP A 61 11.11 1.27 0.10
CA TRP A 61 10.85 0.58 1.35
C TRP A 61 10.35 -0.83 1.02
N GLU A 62 10.36 -1.71 2.04
CA GLU A 62 9.94 -3.10 1.83
C GLU A 62 8.84 -3.47 2.84
N VAL A 63 7.95 -4.37 2.41
CA VAL A 63 6.81 -4.79 3.23
C VAL A 63 6.74 -6.31 3.22
N ASP A 64 6.55 -6.91 4.40
CA ASP A 64 6.38 -8.36 4.50
C ASP A 64 4.89 -8.68 4.39
N VAL A 65 4.54 -9.60 3.48
CA VAL A 65 3.16 -10.02 3.18
C VAL A 65 2.96 -11.52 3.39
N THR A 66 3.88 -12.16 4.11
CA THR A 66 3.93 -13.62 4.20
C THR A 66 2.58 -14.21 4.55
N GLY A 67 2.10 -15.08 3.67
CA GLY A 67 0.98 -15.94 3.97
C GLY A 67 -0.38 -15.26 3.93
N LYS A 68 -0.45 -13.96 3.66
CA LYS A 68 -1.72 -13.28 3.58
C LYS A 68 -2.47 -13.61 2.29
N GLU A 69 -3.79 -13.80 2.39
CA GLU A 69 -4.57 -14.05 1.18
C GLU A 69 -4.90 -12.78 0.42
N ALA A 70 -4.75 -11.61 1.01
CA ALA A 70 -4.98 -10.34 0.32
C ALA A 70 -4.22 -9.19 0.99
N TRP A 71 -3.86 -8.20 0.17
CA TRP A 71 -3.15 -6.99 0.60
C TRP A 71 -3.07 -6.05 -0.60
N ALA A 72 -2.83 -4.76 -0.31
CA ALA A 72 -2.58 -3.80 -1.39
C ALA A 72 -1.46 -2.85 -0.95
N LEU A 73 -0.61 -2.46 -1.89
CA LEU A 73 0.57 -1.65 -1.57
C LEU A 73 0.80 -0.64 -2.68
N GLY A 74 1.44 0.48 -2.31
CA GLY A 74 1.94 1.41 -3.32
C GLY A 74 2.11 2.81 -2.78
N VAL A 75 1.76 3.77 -3.63
CA VAL A 75 1.96 5.20 -3.40
C VAL A 75 0.66 5.89 -3.82
N CYS A 76 0.35 7.00 -3.18
CA CYS A 76 -0.75 7.82 -3.70
C CYS A 76 -0.48 9.30 -3.49
N ARG A 77 -1.20 10.13 -4.25
CA ARG A 77 -1.20 11.56 -3.99
C ARG A 77 -1.75 11.85 -2.59
N ASP A 78 -1.13 12.81 -1.90
CA ASP A 78 -1.75 13.22 -0.62
C ASP A 78 -3.17 13.71 -0.84
N SER A 79 -3.43 14.28 -2.01
CA SER A 79 -4.73 14.88 -2.29
C SER A 79 -5.81 13.86 -2.65
N VAL A 80 -5.57 12.54 -2.57
CA VAL A 80 -6.65 11.59 -2.92
C VAL A 80 -7.86 11.75 -1.97
N ARG A 81 -9.05 11.43 -2.49
CA ARG A 81 -10.24 11.42 -1.66
C ARG A 81 -10.11 10.36 -0.56
N ARG A 82 -10.53 10.70 0.66
CA ARG A 82 -10.48 9.76 1.77
C ARG A 82 -11.83 9.15 2.12
N LYS A 83 -12.93 9.82 1.78
CA LYS A 83 -14.28 9.42 2.19
C LYS A 83 -15.01 8.82 1.01
N GLY A 84 -15.72 7.70 1.26
CA GLY A 84 -16.50 7.15 0.17
C GLY A 84 -15.80 6.06 -0.60
N HIS A 85 -16.57 5.50 -1.52
CA HIS A 85 -16.06 4.43 -2.35
C HIS A 85 -15.37 5.04 -3.56
N PHE A 86 -14.44 4.29 -4.11
CA PHE A 86 -13.65 4.81 -5.23
C PHE A 86 -12.89 3.64 -5.80
N LEU A 87 -12.23 3.91 -6.93
CA LEU A 87 -11.42 2.95 -7.66
C LEU A 87 -9.97 3.17 -7.28
N LEU A 88 -9.29 2.12 -6.78
CA LEU A 88 -7.86 2.19 -6.55
C LEU A 88 -7.25 2.14 -7.94
N SER A 89 -7.00 3.31 -8.49
CA SER A 89 -6.71 3.44 -9.90
C SER A 89 -5.64 4.49 -10.12
N SER A 90 -4.77 4.21 -11.10
CA SER A 90 -3.77 5.22 -11.44
C SER A 90 -4.35 6.32 -12.28
N LYS A 91 -5.67 6.28 -12.54
CA LYS A 91 -6.37 7.43 -13.07
C LYS A 91 -6.83 8.36 -11.96
N SER A 92 -6.81 7.90 -10.71
CA SER A 92 -7.31 8.67 -9.58
C SER A 92 -6.24 8.96 -8.54
N GLY A 93 -4.95 8.91 -8.91
CA GLY A 93 -3.92 9.26 -7.95
C GLY A 93 -3.39 8.16 -7.06
N PHE A 94 -3.66 6.89 -7.38
CA PHE A 94 -3.10 5.74 -6.67
C PHE A 94 -2.26 4.95 -7.64
N TRP A 95 -1.04 4.56 -7.21
CA TRP A 95 -0.19 3.68 -8.00
C TRP A 95 0.05 2.46 -7.15
N THR A 96 -0.76 1.41 -7.35
CA THR A 96 -0.82 0.32 -6.39
C THR A 96 -0.83 -1.01 -7.14
N ILE A 97 -0.38 -2.07 -6.45
CA ILE A 97 -0.69 -3.43 -6.84
C ILE A 97 -1.37 -4.10 -5.65
N TRP A 98 -2.00 -5.23 -5.94
CA TRP A 98 -2.65 -5.94 -4.84
C TRP A 98 -2.74 -7.43 -5.15
N LEU A 99 -3.00 -8.18 -4.08
CA LEU A 99 -3.37 -9.58 -4.10
C LEU A 99 -4.74 -9.73 -3.44
N TRP A 100 -5.60 -10.58 -4.03
CA TRP A 100 -6.82 -11.00 -3.34
C TRP A 100 -7.17 -12.42 -3.78
N ASN A 101 -8.03 -13.08 -3.00
CA ASN A 101 -8.43 -14.45 -3.29
C ASN A 101 -7.25 -15.42 -3.32
N LYS A 102 -6.24 -15.13 -2.49
CA LYS A 102 -5.07 -15.96 -2.31
C LYS A 102 -4.12 -15.96 -3.51
N GLN A 103 -4.63 -15.94 -4.75
CA GLN A 103 -3.73 -16.08 -5.89
C GLN A 103 -3.93 -15.08 -7.04
N LYS A 104 -4.78 -14.06 -6.87
CA LYS A 104 -5.11 -13.13 -7.96
C LYS A 104 -4.31 -11.86 -7.71
N TYR A 105 -3.17 -11.73 -8.39
CA TYR A 105 -2.37 -10.49 -8.33
C TYR A 105 -2.75 -9.56 -9.47
N GLU A 106 -2.91 -8.27 -9.16
CA GLU A 106 -3.36 -7.28 -10.15
C GLU A 106 -2.63 -5.96 -9.93
N ALA A 107 -2.41 -5.25 -11.04
CA ALA A 107 -1.95 -3.86 -10.94
C ALA A 107 -3.13 -2.92 -11.12
N GLY A 108 -3.16 -1.86 -10.31
CA GLY A 108 -4.23 -0.87 -10.29
C GLY A 108 -4.18 0.15 -11.40
N THR A 109 -3.93 -0.31 -12.64
CA THR A 109 -4.27 0.44 -13.82
C THR A 109 -5.79 0.48 -13.96
N TYR A 110 -6.30 1.27 -14.90
CA TYR A 110 -7.72 1.25 -15.24
C TYR A 110 -7.83 1.06 -16.75
N PRO A 111 -8.36 -0.08 -17.21
CA PRO A 111 -8.73 -1.21 -16.38
C PRO A 111 -7.52 -1.88 -15.73
N GLN A 112 -7.83 -2.72 -14.75
CA GLN A 112 -6.78 -3.41 -14.00
C GLN A 112 -5.99 -4.35 -14.90
N THR A 113 -4.74 -4.57 -14.53
CA THR A 113 -3.83 -5.42 -15.29
C THR A 113 -3.57 -6.71 -14.51
N PRO A 114 -3.94 -7.89 -15.02
CA PRO A 114 -3.60 -9.12 -14.32
C PRO A 114 -2.09 -9.32 -14.31
N LEU A 115 -1.57 -9.77 -13.17
CA LEU A 115 -0.14 -10.02 -13.00
C LEU A 115 0.08 -11.52 -12.84
N HIS A 116 1.05 -12.08 -13.56
CA HIS A 116 1.33 -13.51 -13.46
C HIS A 116 2.67 -13.67 -12.76
N LEU A 117 2.66 -14.12 -11.51
CA LEU A 117 3.87 -14.21 -10.69
C LEU A 117 4.26 -15.66 -10.51
N GLN A 118 5.48 -16.00 -10.95
CA GLN A 118 5.93 -17.38 -10.83
C GLN A 118 6.21 -17.77 -9.40
N VAL A 119 6.69 -16.82 -8.59
CA VAL A 119 7.07 -17.02 -7.21
C VAL A 119 6.20 -16.07 -6.39
N PRO A 120 5.24 -16.56 -5.61
CA PRO A 120 4.45 -15.68 -4.77
C PRO A 120 5.37 -14.89 -3.86
N PRO A 121 5.26 -13.57 -3.83
CA PRO A 121 6.14 -12.79 -2.95
C PRO A 121 5.79 -12.92 -1.48
N CYS A 122 6.83 -13.06 -0.67
CA CYS A 122 6.70 -12.95 0.77
C CYS A 122 7.08 -11.55 1.25
N GLN A 123 7.94 -10.84 0.51
CA GLN A 123 8.19 -9.43 0.75
C GLN A 123 8.17 -8.73 -0.58
N VAL A 124 7.71 -7.47 -0.56
CA VAL A 124 7.60 -6.63 -1.75
C VAL A 124 8.41 -5.36 -1.49
N GLY A 125 9.17 -4.94 -2.49
CA GLY A 125 9.86 -3.65 -2.44
C GLY A 125 9.14 -2.65 -3.33
N ILE A 126 9.04 -1.41 -2.85
CA ILE A 126 8.35 -0.34 -3.58
C ILE A 126 9.41 0.73 -3.81
N PHE A 127 9.69 1.04 -5.09
CA PHE A 127 10.66 2.08 -5.44
C PHE A 127 9.94 3.23 -6.12
N LEU A 128 9.97 4.41 -5.49
CA LEU A 128 9.38 5.62 -6.06
C LEU A 128 10.49 6.48 -6.64
N ASP A 129 10.35 6.86 -7.92
CA ASP A 129 11.26 7.83 -8.53
C ASP A 129 10.39 9.01 -8.98
N TYR A 130 10.36 10.08 -8.16
CA TYR A 130 9.46 11.18 -8.43
C TYR A 130 9.74 11.81 -9.78
N GLU A 131 11.00 12.22 -10.03
CA GLU A 131 11.32 12.92 -11.26
C GLU A 131 11.18 12.02 -12.48
N ALA A 132 11.38 10.72 -12.30
CA ALA A 132 11.23 9.84 -13.46
C ALA A 132 9.77 9.51 -13.71
N GLY A 133 8.89 9.88 -12.79
CA GLY A 133 7.47 9.55 -12.90
C GLY A 133 7.16 8.06 -12.85
N MET A 134 7.83 7.32 -11.96
CA MET A 134 7.72 5.86 -11.91
C MET A 134 7.49 5.37 -10.49
N VAL A 135 6.66 4.33 -10.36
CA VAL A 135 6.53 3.56 -9.12
C VAL A 135 6.71 2.10 -9.53
N SER A 136 7.70 1.44 -8.93
CA SER A 136 8.07 0.09 -9.34
C SER A 136 7.98 -0.86 -8.16
N PHE A 137 7.56 -2.09 -8.42
CA PHE A 137 7.32 -3.08 -7.37
C PHE A 137 8.18 -4.29 -7.64
N TYR A 138 8.90 -4.76 -6.63
CA TYR A 138 9.89 -5.82 -6.78
C TYR A 138 9.58 -6.98 -5.87
N ASN A 139 9.82 -8.18 -6.41
CA ASN A 139 9.57 -9.45 -5.73
C ASN A 139 10.86 -9.84 -5.00
N ILE A 140 10.92 -9.52 -3.70
CA ILE A 140 12.14 -9.77 -2.94
C ILE A 140 12.39 -11.27 -2.84
N THR A 141 11.30 -12.06 -2.76
CA THR A 141 11.44 -13.51 -2.71
C THR A 141 12.05 -14.07 -4.00
N ASP A 142 11.86 -13.38 -5.12
CA ASP A 142 12.36 -13.87 -6.40
C ASP A 142 13.58 -13.04 -6.83
N HIS A 143 14.55 -12.83 -5.94
CA HIS A 143 15.79 -12.09 -6.24
C HIS A 143 15.54 -10.70 -6.82
N GLY A 144 14.44 -10.06 -6.44
CA GLY A 144 14.18 -8.70 -6.84
C GLY A 144 13.65 -8.55 -8.26
N SER A 145 13.01 -9.57 -8.82
CA SER A 145 12.41 -9.45 -10.16
C SER A 145 11.28 -8.42 -10.12
N LEU A 146 11.03 -7.79 -11.25
CA LEU A 146 10.01 -6.73 -11.36
C LEU A 146 8.62 -7.35 -11.40
N ILE A 147 7.76 -6.96 -10.44
CA ILE A 147 6.35 -7.33 -10.47
C ILE A 147 5.60 -6.46 -11.46
N TYR A 148 5.73 -5.14 -11.30
CA TYR A 148 5.05 -4.21 -12.19
C TYR A 148 5.69 -2.84 -11.99
N SER A 149 5.70 -2.03 -13.04
CA SER A 149 6.13 -0.63 -12.93
CA SER A 149 6.10 -0.63 -12.88
C SER A 149 5.12 0.27 -13.59
N PHE A 150 4.65 1.30 -12.86
CA PHE A 150 3.90 2.39 -13.48
C PHE A 150 4.86 3.44 -13.99
N SER A 151 4.65 3.94 -15.20
CA SER A 151 5.50 4.98 -15.75
C SER A 151 4.63 6.11 -16.27
N GLU A 152 5.24 7.25 -16.60
CA GLU A 152 4.50 8.44 -17.02
C GLU A 152 3.48 8.89 -15.98
N CYS A 153 3.83 8.75 -14.70
CA CYS A 153 2.94 9.22 -13.63
C CYS A 153 2.93 10.74 -13.55
N ALA A 154 1.75 11.30 -13.33
CA ALA A 154 1.65 12.74 -13.22
C ALA A 154 1.76 13.00 -11.73
N PHE A 155 2.94 13.46 -11.30
CA PHE A 155 3.12 13.75 -9.88
C PHE A 155 3.15 15.25 -9.75
N THR A 156 2.28 15.76 -8.89
CA THR A 156 2.32 17.12 -8.41
C THR A 156 2.12 17.03 -6.90
N GLY A 157 2.80 17.88 -6.15
CA GLY A 157 2.60 17.85 -4.72
C GLY A 157 3.16 16.59 -4.08
N PRO A 158 2.95 16.46 -2.79
CA PRO A 158 3.54 15.36 -2.05
C PRO A 158 2.80 14.07 -2.27
N LEU A 159 3.59 12.98 -2.36
CA LEU A 159 3.07 11.62 -2.40
C LEU A 159 3.17 10.98 -1.02
N ARG A 160 2.41 9.90 -0.83
CA ARG A 160 2.43 9.20 0.45
C ARG A 160 2.52 7.70 0.19
N PRO A 161 3.17 6.95 1.08
CA PRO A 161 3.11 5.48 1.01
C PRO A 161 1.69 5.04 1.34
N PHE A 162 1.22 4.00 0.67
CA PHE A 162 -0.15 3.50 0.81
C PHE A 162 -0.14 2.01 1.15
N PHE A 163 -1.02 1.59 2.09
CA PHE A 163 -1.11 0.21 2.58
C PHE A 163 -2.54 -0.21 2.83
N SER A 164 -2.85 -1.49 2.54
CA SER A 164 -4.03 -2.18 3.08
C SER A 164 -3.64 -3.62 3.40
N PRO A 165 -3.92 -4.11 4.60
CA PRO A 165 -3.71 -5.53 4.91
C PRO A 165 -4.85 -6.43 4.45
N GLY A 166 -5.78 -5.92 3.65
CA GLY A 166 -6.92 -6.72 3.21
C GLY A 166 -8.23 -5.96 3.27
N PHE A 167 -9.32 -6.57 2.81
CA PHE A 167 -10.66 -6.03 2.98
C PHE A 167 -11.40 -6.88 4.01
N ASN A 168 -12.56 -6.42 4.46
CA ASN A 168 -13.27 -7.17 5.49
C ASN A 168 -14.02 -8.35 4.92
N ASP A 169 -13.88 -9.51 5.56
CA ASP A 169 -14.21 -10.78 4.92
C ASP A 169 -14.75 -11.80 5.90
N GLY A 170 -14.45 -11.63 7.17
CA GLY A 170 -14.96 -12.55 8.18
C GLY A 170 -13.91 -12.91 9.21
N GLY A 171 -12.72 -12.29 9.08
CA GLY A 171 -11.58 -12.50 9.97
C GLY A 171 -10.65 -13.67 9.67
N LYS A 172 -10.37 -13.95 8.38
CA LYS A 172 -9.51 -15.04 7.90
C LYS A 172 -8.07 -14.57 7.61
N ASN A 173 -7.99 -13.39 7.09
CA ASN A 173 -6.76 -12.72 6.64
C ASN A 173 -6.23 -11.80 7.75
N THR A 174 -5.86 -12.41 8.88
CA THR A 174 -5.55 -11.68 10.11
C THR A 174 -4.09 -11.30 10.28
N ALA A 175 -3.16 -11.89 9.49
CA ALA A 175 -1.75 -11.56 9.68
C ALA A 175 -1.48 -10.11 9.31
N PRO A 176 -0.50 -9.49 9.95
CA PRO A 176 -0.15 -8.10 9.64
C PRO A 176 0.67 -7.99 8.36
N LEU A 177 0.59 -6.80 7.79
CA LEU A 177 1.63 -6.23 6.95
C LEU A 177 2.72 -5.70 7.89
N THR A 178 3.99 -5.98 7.59
CA THR A 178 5.07 -5.53 8.47
C THR A 178 6.11 -4.80 7.61
N LEU A 179 6.46 -3.57 8.01
CA LEU A 179 7.52 -2.84 7.30
C LEU A 179 8.86 -3.46 7.70
N CYS A 180 9.62 -3.88 6.71
CA CYS A 180 10.86 -4.60 6.99
C CYS A 180 11.92 -3.62 7.49
N PRO A 181 12.73 -4.00 8.46
CA PRO A 181 13.93 -3.22 8.78
C PRO A 181 14.83 -3.12 7.55
N LEU A 182 15.38 -1.92 7.31
CA LEU A 182 16.24 -1.75 6.11
C LEU A 182 17.69 -1.47 6.51
C10 A1D5Z B . -7.74 -4.22 -0.01
C11 A1D5Z B . -7.22 -5.80 -2.27
C13 A1D5Z B . -10.65 -0.86 -4.42
C14 A1D5Z B . -9.74 -3.00 -5.10
C17 A1D5Z B . -10.73 -6.18 -4.76
C18 A1D5Z B . -8.55 -4.11 -1.13
C21 A1D5Z B . -9.62 -3.43 -3.75
C22 A1D5Z B . -10.25 -1.74 -5.44
C23 A1D5Z B . -10.36 -1.37 -6.94
C05 A1D5Z B . -13.39 -7.57 -4.81
C06 A1D5Z B . -13.64 -7.37 -2.32
C07 A1D5Z B . -11.24 -2.33 -7.77
C08 A1D5Z B . -6.68 -5.10 -0.02
C09 A1D5Z B . -6.42 -5.89 -1.13
C12 A1D5Z B . -10.53 -1.24 -3.08
C15 A1D5Z B . -9.26 -5.78 -4.42
C16 A1D5Z B . -11.43 -6.76 -3.50
C19 A1D5Z B . -10.02 -2.51 -2.75
C20 A1D5Z B . -8.31 -4.89 -2.29
N03 A1D5Z B . -9.16 -4.73 -3.40
N04 A1D5Z B . -12.96 -6.82 -3.55
O02 A1D5Z B . -10.87 -0.04 -6.98
S01 A1D5Z B . -9.92 -3.00 -1.06
H101 A1D5Z B . -7.97 -3.61 0.88
H111 A1D5Z B . -6.99 -6.44 -3.12
H131 A1D5Z B . -11.06 0.11 -4.69
H141 A1D5Z B . -9.43 -3.65 -5.91
H172 A1D5Z B . -10.73 -6.93 -5.57
H171 A1D5Z B . -11.27 -5.30 -5.13
H231 A1D5Z B . -9.38 -1.46 -7.47
H051 A1D5Z B . -13.04 -7.02 -5.70
H053 A1D5Z B . -14.48 -7.64 -4.83
H052 A1D5Z B . -12.95 -8.57 -4.80
H063 A1D5Z B . -13.33 -6.78 -1.45
H062 A1D5Z B . -13.33 -8.42 -2.19
H061 A1D5Z B . -14.72 -7.32 -2.45
H072 A1D5Z B . -12.22 -2.48 -7.29
H071 A1D5Z B . -10.76 -3.32 -7.88
H073 A1D5Z B . -11.43 -1.93 -8.78
H081 A1D5Z B . -6.04 -5.17 0.87
H091 A1D5Z B . -5.57 -6.58 -1.13
H121 A1D5Z B . -10.82 -0.55 -2.28
H151 A1D5Z B . -8.71 -6.67 -4.09
H152 A1D5Z B . -8.76 -5.43 -5.34
H162 A1D5Z B . -11.21 -6.16 -2.61
H161 A1D5Z B . -11.11 -7.79 -3.31
H021 A1D5Z B . -11.84 -0.12 -6.92
H041 A1D5Z B . -13.29 -5.85 -3.58
#